data_6C18
#
_entry.id   6C18
#
_cell.length_a   208.962
_cell.length_b   49.837
_cell.length_c   65.085
_cell.angle_alpha   90.00
_cell.angle_beta   106.19
_cell.angle_gamma   90.00
#
_symmetry.space_group_name_H-M   'C 1 2 1'
#
loop_
_entity.id
_entity.type
_entity.pdbx_description
1 polymer 'Fibroblast growth factor receptor 1'
2 non-polymer 3-(2,6-dichloro-3,5-dimethoxyphenyl)-1-{(3S)-1-[(2E)-4-(dimethylamino)but-2-enoyl]pyrrolidin-3-yl}-7-[(propan-2-yl)amino]-3,4-dihydropyrimido[4,5-d]pyrimidin-2(1H)-one
3 non-polymer 'SULFATE ION'
4 water water
#
_entity_poly.entity_id   1
_entity_poly.type   'polypeptide(L)'
_entity_poly.pdbx_seq_one_letter_code
;GAMSGVSEYELPEDPRWELPRDRLVLGKPLGEGAFGQVVLAEAIGLDKDKPNRVTKVAVKMLKSDATEKDLSDLISEMEM
MKMIGKHKNIINLLGACTQDGPLYVIVEYASKGNLREYLQARRPPGLEYSYNPSHNPEEQLSSKDLVSCAYQVARGMEYL
ASKKCIHRDLAARNVLVTEDNVMKIADFGLARDIHHIDYYKKTTNGRLPVKWMAPEALFDRIYTHQSDVWSFGVLLWEIF
TLGGSPYPGVPVEELFKLLKEGHRMDKPSNCTNELYMMMRDCWHAVPSQRPTFKQLVEDLDRIVALTSNQE
;
_entity_poly.pdbx_strand_id   A,B
#
# COMPACT_ATOMS: atom_id res chain seq x y z
N LEU A 11 17.96 -29.49 29.19
CA LEU A 11 17.80 -28.10 28.65
C LEU A 11 18.52 -27.09 29.54
N PRO A 12 19.83 -26.85 29.25
CA PRO A 12 20.63 -25.95 30.07
C PRO A 12 20.42 -24.49 29.71
N GLU A 13 20.62 -23.60 30.68
CA GLU A 13 20.28 -22.19 30.48
C GLU A 13 21.33 -21.52 29.62
N ASP A 14 20.88 -20.52 28.86
CA ASP A 14 21.75 -19.67 28.09
C ASP A 14 21.41 -18.21 28.41
N PRO A 15 22.22 -17.53 29.25
CA PRO A 15 21.81 -16.19 29.68
C PRO A 15 21.76 -15.12 28.59
N ARG A 16 22.32 -15.35 27.40
CA ARG A 16 22.21 -14.36 26.33
C ARG A 16 20.78 -14.22 25.87
N TRP A 17 20.00 -15.28 26.01
CA TRP A 17 18.67 -15.33 25.46
C TRP A 17 17.55 -15.53 26.48
N GLU A 18 17.86 -16.05 27.67
CA GLU A 18 16.84 -16.37 28.68
C GLU A 18 16.01 -15.16 29.03
N LEU A 19 14.69 -15.37 29.19
CA LEU A 19 13.77 -14.37 29.72
C LEU A 19 12.90 -15.10 30.73
N PRO A 20 12.80 -14.57 31.97
CA PRO A 20 11.90 -15.25 32.92
C PRO A 20 10.46 -15.35 32.42
N ARG A 21 9.86 -16.51 32.68
CA ARG A 21 8.50 -16.88 32.26
C ARG A 21 7.50 -15.78 32.54
N ASP A 22 7.54 -15.24 33.75
CA ASP A 22 6.60 -14.23 34.16
C ASP A 22 6.73 -12.90 33.42
N ARG A 23 7.79 -12.71 32.63
CA ARG A 23 7.91 -11.54 31.75
C ARG A 23 7.12 -11.68 30.45
N LEU A 24 6.15 -12.60 30.40
CA LEU A 24 5.51 -12.97 29.13
C LEU A 24 4.03 -13.27 29.33
N VAL A 25 3.16 -12.39 28.84
CA VAL A 25 1.72 -12.64 28.89
C VAL A 25 1.30 -13.22 27.55
N LEU A 26 0.83 -14.47 27.60
CA LEU A 26 0.54 -15.29 26.45
C LEU A 26 -0.83 -14.96 25.98
N GLY A 27 -0.94 -14.51 24.74
CA GLY A 27 -2.22 -14.20 24.14
C GLY A 27 -2.68 -15.31 23.20
N LYS A 28 -3.31 -14.88 22.12
CA LYS A 28 -4.15 -15.75 21.32
C LYS A 28 -3.31 -16.56 20.36
N PRO A 29 -3.81 -17.72 19.94
CA PRO A 29 -3.06 -18.57 19.01
C PRO A 29 -2.86 -17.95 17.64
N LEU A 30 -1.75 -18.27 16.99
CA LEU A 30 -1.44 -17.79 15.66
C LEU A 30 -1.52 -18.84 14.54
N GLY A 31 -1.40 -20.13 14.88
CA GLY A 31 -1.60 -21.22 13.91
C GLY A 31 -0.65 -22.38 14.04
N GLY A 36 5.65 -27.45 16.45
CA GLY A 36 4.50 -27.16 17.29
C GLY A 36 3.67 -25.93 16.91
N GLN A 37 3.12 -25.27 17.93
CA GLN A 37 2.17 -24.17 17.75
C GLN A 37 2.76 -22.85 18.23
N VAL A 38 2.15 -21.77 17.76
CA VAL A 38 2.67 -20.43 17.92
C VAL A 38 1.56 -19.55 18.47
N VAL A 39 1.91 -18.69 19.44
CA VAL A 39 0.93 -17.78 20.05
C VAL A 39 1.43 -16.35 19.98
N LEU A 40 0.49 -15.42 19.97
CA LEU A 40 0.84 -14.02 20.11
C LEU A 40 1.14 -13.84 21.58
N ALA A 41 2.02 -12.91 21.91
CA ALA A 41 2.30 -12.63 23.31
C ALA A 41 2.82 -11.25 23.51
N GLU A 42 2.92 -10.87 24.76
CA GLU A 42 3.56 -9.64 25.14
C GLU A 42 4.72 -9.98 26.03
N ALA A 43 5.88 -9.44 25.70
CA ALA A 43 7.08 -9.61 26.48
C ALA A 43 7.42 -8.31 27.21
N ILE A 44 7.74 -8.41 28.49
CA ILE A 44 8.05 -7.26 29.34
C ILE A 44 9.55 -7.15 29.53
N GLY A 45 10.11 -6.02 29.12
CA GLY A 45 11.51 -5.74 29.32
C GLY A 45 12.42 -6.60 28.47
N LEU A 46 12.00 -6.86 27.25
CA LEU A 46 12.83 -7.63 26.32
C LEU A 46 14.21 -6.99 26.19
N ASP A 47 14.26 -5.68 26.33
CA ASP A 47 15.48 -4.92 26.32
C ASP A 47 15.82 -4.55 27.78
N LYS A 48 17.05 -4.87 28.20
CA LYS A 48 17.54 -4.55 29.54
C LYS A 48 17.43 -3.06 29.85
N ASP A 49 17.67 -2.21 28.85
CA ASP A 49 17.63 -0.75 29.00
C ASP A 49 16.24 -0.10 28.68
N LYS A 50 15.18 -0.90 28.68
CA LYS A 50 13.82 -0.39 28.45
C LYS A 50 12.86 -1.28 29.22
N PRO A 51 13.09 -1.41 30.52
CA PRO A 51 12.59 -2.54 31.31
C PRO A 51 11.08 -2.55 31.55
N ASN A 52 10.42 -1.40 31.38
CA ASN A 52 8.99 -1.26 31.58
C ASN A 52 8.21 -1.10 30.28
N ARG A 53 8.78 -1.62 29.19
CA ARG A 53 8.15 -1.64 27.89
C ARG A 53 7.66 -3.06 27.56
N VAL A 54 6.51 -3.14 26.89
CA VAL A 54 5.92 -4.37 26.44
C VAL A 54 6.12 -4.46 24.94
N THR A 55 6.66 -5.58 24.47
CA THR A 55 6.81 -5.79 23.05
C THR A 55 5.93 -6.95 22.61
N LYS A 56 5.19 -6.77 21.51
CA LYS A 56 4.39 -7.88 20.94
C LYS A 56 5.33 -8.87 20.25
N VAL A 57 5.17 -10.15 20.53
CA VAL A 57 6.09 -11.16 20.01
C VAL A 57 5.31 -12.43 19.67
N ALA A 58 5.95 -13.33 18.94
CA ALA A 58 5.38 -14.62 18.68
C ALA A 58 6.18 -15.63 19.45
N VAL A 59 5.49 -16.58 20.05
CA VAL A 59 6.14 -17.57 20.85
C VAL A 59 5.81 -18.94 20.28
N LYS A 60 6.82 -19.76 20.06
CA LYS A 60 6.59 -21.14 19.66
C LYS A 60 6.78 -22.05 20.86
N MET A 61 5.89 -23.03 20.96
CA MET A 61 5.94 -24.07 21.98
C MET A 61 5.45 -25.35 21.34
N LEU A 62 5.59 -26.45 22.06
CA LEU A 62 5.18 -27.75 21.58
C LEU A 62 3.68 -27.97 21.73
N LYS A 63 3.11 -28.69 20.77
CA LYS A 63 1.72 -29.16 20.86
C LYS A 63 1.58 -30.10 22.06
N SER A 64 0.36 -30.20 22.62
CA SER A 64 0.13 -30.97 23.87
C SER A 64 0.55 -32.45 23.84
N ASP A 65 0.56 -33.03 22.65
CA ASP A 65 1.16 -34.35 22.41
C ASP A 65 2.27 -34.15 21.38
N ALA A 66 3.47 -34.61 21.71
CA ALA A 66 4.64 -34.26 20.93
C ALA A 66 5.81 -35.12 21.33
N THR A 67 6.42 -35.77 20.35
CA THR A 67 7.46 -36.75 20.60
C THR A 67 8.80 -36.13 20.96
N GLU A 68 9.75 -36.97 21.35
CA GLU A 68 11.14 -36.54 21.55
C GLU A 68 11.77 -35.83 20.32
N LYS A 69 11.33 -36.16 19.11
CA LYS A 69 11.89 -35.52 17.90
C LYS A 69 11.39 -34.07 17.83
N ASP A 70 10.09 -33.90 18.06
CA ASP A 70 9.49 -32.58 18.12
C ASP A 70 10.33 -31.65 19.01
N LEU A 71 10.61 -32.10 20.22
CA LEU A 71 11.40 -31.30 21.14
C LEU A 71 12.78 -30.99 20.60
N SER A 72 13.51 -32.01 20.14
CA SER A 72 14.87 -31.78 19.63
C SER A 72 14.87 -30.91 18.37
N ASP A 73 13.83 -30.99 17.55
CA ASP A 73 13.77 -30.10 16.38
C ASP A 73 13.55 -28.65 16.78
N LEU A 74 12.69 -28.43 17.76
CA LEU A 74 12.49 -27.09 18.31
C LEU A 74 13.81 -26.50 18.83
N ILE A 75 14.52 -27.32 19.58
CA ILE A 75 15.80 -26.96 20.19
C ILE A 75 16.82 -26.65 19.10
N SER A 76 16.94 -27.54 18.13
CA SER A 76 17.82 -27.27 17.00
C SER A 76 17.48 -25.96 16.32
N GLU A 77 16.21 -25.76 16.03
CA GLU A 77 15.80 -24.54 15.35
C GLU A 77 16.24 -23.31 16.13
N MET A 78 15.97 -23.31 17.42
CA MET A 78 16.35 -22.19 18.29
C MET A 78 17.86 -21.99 18.22
N GLU A 79 18.60 -23.05 18.49
CA GLU A 79 20.06 -23.00 18.45
C GLU A 79 20.58 -22.54 17.09
N MET A 80 19.94 -22.97 16.02
CA MET A 80 20.33 -22.60 14.69
C MET A 80 20.08 -21.10 14.51
N MET A 81 18.95 -20.65 15.03
CA MET A 81 18.65 -19.24 14.95
C MET A 81 19.69 -18.41 15.66
N LYS A 82 20.09 -18.82 16.84
CA LYS A 82 21.19 -18.15 17.53
C LYS A 82 22.39 -17.93 16.61
N MET A 83 22.86 -18.99 15.93
CA MET A 83 24.09 -18.89 15.15
C MET A 83 23.93 -17.95 13.97
N ILE A 84 22.74 -17.91 13.38
CA ILE A 84 22.56 -17.20 12.12
C ILE A 84 22.63 -15.68 12.31
N GLY A 85 22.26 -15.20 13.50
CA GLY A 85 22.31 -13.78 13.78
C GLY A 85 21.16 -13.02 13.16
N LYS A 86 21.26 -11.70 13.23
CA LYS A 86 20.14 -10.80 12.99
C LYS A 86 20.17 -10.17 11.63
N HIS A 87 18.99 -9.98 11.06
CA HIS A 87 18.84 -9.18 9.85
C HIS A 87 17.41 -8.73 9.78
N LYS A 88 17.18 -7.51 9.29
CA LYS A 88 15.82 -6.98 9.29
C LYS A 88 14.84 -7.73 8.40
N ASN A 89 15.34 -8.47 7.43
CA ASN A 89 14.49 -9.19 6.51
C ASN A 89 14.38 -10.66 6.77
N ILE A 90 14.74 -11.10 7.97
CA ILE A 90 14.35 -12.43 8.46
C ILE A 90 13.60 -12.30 9.80
N ILE A 91 12.84 -13.34 10.16
CA ILE A 91 12.23 -13.38 11.46
C ILE A 91 13.29 -13.73 12.48
N ASN A 92 13.55 -12.80 13.40
CA ASN A 92 14.67 -12.90 14.31
C ASN A 92 14.31 -13.57 15.64
N LEU A 93 15.29 -14.21 16.26
CA LEU A 93 15.12 -14.74 17.59
C LEU A 93 15.24 -13.52 18.54
N LEU A 94 14.39 -13.51 19.57
CA LEU A 94 14.34 -12.43 20.57
C LEU A 94 14.65 -12.92 21.94
N GLY A 95 14.23 -14.13 22.27
CA GLY A 95 14.62 -14.77 23.52
C GLY A 95 14.06 -16.16 23.64
N ALA A 96 14.16 -16.72 24.83
CA ALA A 96 13.65 -18.06 25.12
C ALA A 96 13.35 -18.27 26.61
N CYS A 97 12.39 -19.14 26.92
CA CYS A 97 12.13 -19.59 28.30
C CYS A 97 12.44 -21.07 28.39
N THR A 98 13.53 -21.41 29.08
CA THR A 98 14.01 -22.80 29.15
C THR A 98 13.98 -23.42 30.54
N GLN A 99 13.75 -22.61 31.57
CA GLN A 99 13.88 -23.08 32.94
C GLN A 99 12.57 -23.53 33.58
N ASP A 100 11.67 -22.59 33.88
CA ASP A 100 10.55 -22.88 34.81
C ASP A 100 9.42 -23.77 34.25
N GLY A 101 9.69 -24.51 33.17
CA GLY A 101 8.70 -25.42 32.55
C GLY A 101 8.87 -25.50 31.02
N PRO A 102 7.78 -25.78 30.28
CA PRO A 102 7.77 -25.92 28.82
C PRO A 102 8.65 -24.93 28.04
N LEU A 103 9.38 -25.44 27.06
CA LEU A 103 10.24 -24.61 26.25
C LEU A 103 9.34 -23.70 25.44
N TYR A 104 9.64 -22.40 25.53
CA TYR A 104 9.08 -21.37 24.68
C TYR A 104 10.23 -20.74 23.92
N VAL A 105 10.03 -20.51 22.63
CA VAL A 105 10.98 -19.78 21.77
C VAL A 105 10.29 -18.51 21.30
N ILE A 106 10.91 -17.36 21.52
CA ILE A 106 10.30 -16.08 21.30
C ILE A 106 10.92 -15.42 20.09
N VAL A 107 10.10 -15.09 19.10
CA VAL A 107 10.62 -14.46 17.93
C VAL A 107 9.77 -13.27 17.58
N GLU A 108 10.22 -12.52 16.57
CA GLU A 108 9.50 -11.36 16.12
C GLU A 108 8.14 -11.76 15.57
N TYR A 109 7.20 -10.81 15.69
CA TYR A 109 5.83 -11.05 15.35
C TYR A 109 5.51 -10.25 14.08
N ALA A 110 4.79 -10.87 13.14
CA ALA A 110 4.37 -10.23 11.87
C ALA A 110 2.85 -10.10 11.81
N SER A 111 2.35 -8.90 12.06
CA SER A 111 0.89 -8.71 12.26
C SER A 111 0.09 -8.77 10.96
N LYS A 112 0.78 -8.61 9.83
CA LYS A 112 0.07 -8.51 8.56
C LYS A 112 -0.01 -9.80 7.77
N GLY A 113 0.46 -10.90 8.35
CA GLY A 113 0.25 -12.24 7.81
C GLY A 113 1.47 -12.71 7.01
N ASN A 114 1.39 -13.93 6.48
CA ASN A 114 2.38 -14.38 5.50
C ASN A 114 2.14 -13.72 4.17
N LEU A 115 3.14 -13.76 3.30
CA LEU A 115 3.12 -12.93 2.09
C LEU A 115 1.98 -13.32 1.15
N ARG A 116 1.68 -14.60 1.05
CA ARG A 116 0.62 -15.04 0.15
C ARG A 116 -0.73 -14.47 0.54
N GLU A 117 -1.06 -14.48 1.83
CA GLU A 117 -2.34 -13.89 2.28
C GLU A 117 -2.30 -12.39 2.16
N TYR A 118 -1.18 -11.78 2.48
CA TYR A 118 -1.04 -10.34 2.39
C TYR A 118 -1.37 -9.86 0.98
N LEU A 119 -0.76 -10.50 -0.01
CA LEU A 119 -0.97 -10.15 -1.39
C LEU A 119 -2.40 -10.47 -1.83
N GLN A 120 -2.90 -11.63 -1.47
CA GLN A 120 -4.22 -12.04 -1.87
C GLN A 120 -5.27 -11.05 -1.41
N ALA A 121 -5.09 -10.58 -0.20
CA ALA A 121 -5.97 -9.57 0.40
C ALA A 121 -5.91 -8.24 -0.32
N ARG A 122 -4.84 -8.01 -1.10
CA ARG A 122 -4.68 -6.72 -1.78
C ARG A 122 -5.02 -6.78 -3.27
N ARG A 123 -5.58 -7.90 -3.70
CA ARG A 123 -6.08 -8.01 -5.06
C ARG A 123 -7.20 -6.98 -5.30
N PRO A 124 -7.31 -6.45 -6.53
CA PRO A 124 -8.48 -5.62 -6.79
C PRO A 124 -9.74 -6.44 -6.52
N PRO A 125 -10.76 -5.79 -6.01
CA PRO A 125 -12.04 -6.40 -5.66
C PRO A 125 -12.92 -7.09 -6.70
N GLY A 126 -12.55 -7.09 -7.97
CA GLY A 126 -13.28 -7.79 -9.00
C GLY A 126 -12.38 -8.39 -10.08
N SER A 130 -9.06 -13.65 -10.80
CA SER A 130 -8.41 -13.97 -9.54
C SER A 130 -9.13 -13.20 -8.49
N TYR A 131 -9.81 -13.91 -7.60
CA TYR A 131 -10.57 -13.23 -6.61
C TYR A 131 -9.88 -12.93 -5.31
N ASN A 132 -10.44 -11.95 -4.62
CA ASN A 132 -9.96 -11.58 -3.32
C ASN A 132 -10.68 -12.42 -2.29
N PRO A 133 -9.97 -13.38 -1.70
CA PRO A 133 -10.61 -14.31 -0.76
C PRO A 133 -11.00 -13.65 0.53
N SER A 134 -10.47 -12.45 0.77
CA SER A 134 -10.51 -11.85 2.10
C SER A 134 -11.81 -11.15 2.36
N HIS A 135 -12.27 -11.29 3.60
CA HIS A 135 -13.43 -10.54 4.07
C HIS A 135 -12.98 -9.22 4.70
N ASN A 136 -11.69 -9.09 4.99
CA ASN A 136 -11.09 -7.79 5.29
C ASN A 136 -10.08 -7.33 4.20
N PRO A 137 -10.58 -7.00 2.98
CA PRO A 137 -9.65 -6.57 1.88
C PRO A 137 -8.84 -5.32 2.24
N GLU A 138 -7.64 -5.18 1.65
CA GLU A 138 -6.79 -4.02 1.91
C GLU A 138 -6.43 -3.31 0.61
N GLU A 139 -5.83 -2.13 0.76
CA GLU A 139 -5.44 -1.33 -0.38
C GLU A 139 -4.48 -2.02 -1.31
N GLN A 140 -4.75 -1.90 -2.59
CA GLN A 140 -3.97 -2.56 -3.61
C GLN A 140 -2.55 -2.07 -3.52
N LEU A 141 -1.62 -2.91 -3.91
CA LEU A 141 -0.23 -2.51 -3.92
C LEU A 141 0.18 -1.93 -5.26
N SER A 142 1.02 -0.89 -5.20
CA SER A 142 1.55 -0.22 -6.37
C SER A 142 2.62 -1.08 -7.01
N SER A 143 2.96 -0.80 -8.27
CA SER A 143 4.08 -1.46 -8.94
C SER A 143 5.34 -1.39 -8.10
N LYS A 144 5.71 -0.19 -7.66
CA LYS A 144 6.92 -0.02 -6.88
C LYS A 144 6.87 -0.87 -5.64
N ASP A 145 5.72 -0.91 -4.96
CA ASP A 145 5.58 -1.76 -3.75
C ASP A 145 5.82 -3.22 -4.03
N LEU A 146 5.35 -3.72 -5.17
CA LEU A 146 5.59 -5.10 -5.50
C LEU A 146 7.06 -5.40 -5.72
N VAL A 147 7.74 -4.55 -6.46
CA VAL A 147 9.15 -4.79 -6.69
C VAL A 147 9.92 -4.67 -5.38
N SER A 148 9.56 -3.70 -4.56
CA SER A 148 10.21 -3.52 -3.25
C SER A 148 10.02 -4.76 -2.33
N CYS A 149 8.86 -5.39 -2.43
N CYS A 149 8.85 -5.40 -2.40
CA CYS A 149 8.62 -6.63 -1.71
CA CYS A 149 8.63 -6.68 -1.70
C CYS A 149 9.59 -7.75 -2.14
C CYS A 149 9.67 -7.71 -2.12
N ALA A 150 9.82 -7.85 -3.43
CA ALA A 150 10.72 -8.86 -3.99
C ALA A 150 12.16 -8.56 -3.56
N TYR A 151 12.55 -7.29 -3.66
CA TYR A 151 13.86 -6.86 -3.21
C TYR A 151 14.13 -7.26 -1.75
N GLN A 152 13.17 -7.00 -0.86
CA GLN A 152 13.41 -7.27 0.56
C GLN A 152 13.59 -8.74 0.81
N VAL A 153 12.76 -9.55 0.16
CA VAL A 153 12.88 -10.98 0.26
C VAL A 153 14.24 -11.40 -0.25
N ALA A 154 14.72 -10.79 -1.32
CA ALA A 154 16.03 -11.13 -1.83
C ALA A 154 17.10 -10.87 -0.79
N ARG A 155 17.02 -9.71 -0.14
CA ARG A 155 17.97 -9.31 0.91
C ARG A 155 17.98 -10.28 2.07
N GLY A 156 16.79 -10.67 2.49
CA GLY A 156 16.67 -11.69 3.50
C GLY A 156 17.41 -12.93 3.05
N MET A 157 17.21 -13.35 1.80
CA MET A 157 17.85 -14.58 1.35
C MET A 157 19.34 -14.36 1.11
N GLU A 158 19.73 -13.20 0.62
CA GLU A 158 21.15 -12.87 0.54
C GLU A 158 21.82 -12.97 1.89
N TYR A 159 21.20 -12.44 2.93
CA TYR A 159 21.78 -12.54 4.27
C TYR A 159 21.93 -14.00 4.65
N LEU A 160 20.87 -14.79 4.51
CA LEU A 160 20.94 -16.21 4.91
C LEU A 160 21.97 -16.98 4.14
N ALA A 161 22.06 -16.68 2.83
CA ALA A 161 23.04 -17.34 2.00
C ALA A 161 24.44 -17.02 2.51
N SER A 162 24.69 -15.76 2.85
CA SER A 162 26.04 -15.33 3.25
C SER A 162 26.43 -16.04 4.55
N LYS A 163 25.42 -16.49 5.31
CA LYS A 163 25.60 -17.32 6.50
C LYS A 163 25.47 -18.81 6.20
N LYS A 164 25.60 -19.21 4.94
CA LYS A 164 25.64 -20.60 4.54
C LYS A 164 24.38 -21.37 4.95
N CYS A 165 23.24 -20.68 5.07
CA CYS A 165 22.00 -21.34 5.42
C CYS A 165 21.20 -21.62 4.17
N ILE A 166 20.90 -22.88 3.92
CA ILE A 166 20.05 -23.27 2.80
C ILE A 166 18.64 -23.42 3.31
N HIS A 167 17.71 -22.64 2.76
CA HIS A 167 16.37 -22.62 3.30
C HIS A 167 15.60 -23.91 3.03
N ARG A 168 15.54 -24.31 1.75
CA ARG A 168 14.90 -25.55 1.27
C ARG A 168 13.39 -25.50 1.05
N ASP A 169 12.73 -24.43 1.46
CA ASP A 169 11.29 -24.34 1.30
C ASP A 169 10.84 -22.88 1.18
N LEU A 170 11.59 -22.09 0.43
CA LEU A 170 11.28 -20.74 0.19
C LEU A 170 10.05 -20.69 -0.70
N ALA A 171 9.11 -19.82 -0.33
CA ALA A 171 7.79 -19.69 -0.91
C ALA A 171 7.13 -18.45 -0.26
N ALA A 172 6.14 -17.85 -0.90
CA ALA A 172 5.51 -16.67 -0.34
C ALA A 172 4.87 -17.00 1.03
N ARG A 173 4.38 -18.22 1.18
CA ARG A 173 3.84 -18.70 2.44
C ARG A 173 4.89 -18.62 3.58
N ASN A 174 6.17 -18.59 3.25
CA ASN A 174 7.21 -18.53 4.25
C ASN A 174 7.91 -17.21 4.27
N VAL A 175 7.19 -16.18 3.87
CA VAL A 175 7.60 -14.83 4.09
C VAL A 175 6.48 -14.14 4.87
N LEU A 176 6.85 -13.41 5.91
CA LEU A 176 5.88 -12.80 6.80
C LEU A 176 6.06 -11.31 6.73
N VAL A 177 4.98 -10.55 6.94
CA VAL A 177 4.98 -9.10 6.81
C VAL A 177 4.60 -8.43 8.14
N THR A 178 5.46 -7.53 8.62
CA THR A 178 5.22 -6.82 9.88
C THR A 178 4.23 -5.69 9.72
N GLU A 179 3.78 -5.18 10.85
CA GLU A 179 3.02 -3.95 10.95
C GLU A 179 3.55 -2.83 10.06
N ASP A 180 4.87 -2.73 9.94
CA ASP A 180 5.45 -1.71 9.09
C ASP A 180 5.79 -2.23 7.69
N ASN A 181 5.11 -3.28 7.24
CA ASN A 181 5.31 -3.83 5.88
C ASN A 181 6.76 -4.21 5.56
N VAL A 182 7.47 -4.76 6.55
CA VAL A 182 8.82 -5.28 6.35
C VAL A 182 8.65 -6.77 6.05
N MET A 183 9.27 -7.24 4.95
CA MET A 183 9.21 -8.65 4.58
C MET A 183 10.29 -9.41 5.33
N LYS A 184 9.93 -10.52 5.96
CA LYS A 184 10.85 -11.30 6.75
C LYS A 184 10.78 -12.76 6.39
N ILE A 185 11.89 -13.32 5.94
CA ILE A 185 11.92 -14.75 5.63
C ILE A 185 11.57 -15.50 6.90
N ALA A 186 10.72 -16.51 6.77
CA ALA A 186 10.35 -17.37 7.87
C ALA A 186 10.91 -18.76 7.67
N ASP A 187 10.90 -19.53 8.75
CA ASP A 187 11.27 -20.93 8.83
C ASP A 187 12.53 -21.34 8.12
N PHE A 188 13.55 -20.57 8.31
CA PHE A 188 14.79 -20.78 7.63
C PHE A 188 15.72 -21.69 8.37
N GLY A 189 15.22 -22.38 9.39
CA GLY A 189 16.10 -22.99 10.38
C GLY A 189 16.17 -24.49 10.47
N LEU A 190 15.55 -25.24 9.55
CA LEU A 190 15.63 -26.71 9.62
C LEU A 190 15.37 -27.41 8.29
N PRO A 209 4.32 -27.74 -2.38
CA PRO A 209 5.71 -27.59 -1.93
C PRO A 209 6.68 -28.04 -3.02
N VAL A 210 6.39 -29.19 -3.62
CA VAL A 210 7.06 -29.61 -4.87
C VAL A 210 7.05 -28.54 -5.96
N LYS A 211 6.05 -27.64 -5.95
CA LYS A 211 5.90 -26.64 -7.02
C LYS A 211 6.85 -25.48 -6.85
N TRP A 212 7.53 -25.48 -5.70
CA TRP A 212 8.63 -24.57 -5.40
C TRP A 212 10.05 -25.19 -5.51
N MET A 213 10.15 -26.52 -5.52
CA MET A 213 11.44 -27.19 -5.61
C MET A 213 12.03 -27.19 -7.00
N ALA A 214 13.35 -26.95 -7.02
CA ALA A 214 14.15 -27.08 -8.21
C ALA A 214 14.22 -28.55 -8.59
N PRO A 215 14.35 -28.86 -9.89
CA PRO A 215 14.44 -30.25 -10.34
C PRO A 215 15.52 -31.08 -9.67
N GLU A 216 16.73 -30.54 -9.57
CA GLU A 216 17.80 -31.29 -8.91
C GLU A 216 17.46 -31.58 -7.43
N ALA A 217 16.70 -30.69 -6.79
CA ALA A 217 16.18 -30.95 -5.43
C ALA A 217 15.04 -31.95 -5.48
N LEU A 218 14.13 -31.71 -6.40
CA LEU A 218 12.98 -32.57 -6.54
C LEU A 218 13.44 -33.99 -6.83
N PHE A 219 14.25 -34.13 -7.87
CA PHE A 219 14.63 -35.45 -8.34
C PHE A 219 15.72 -36.09 -7.49
N ASP A 220 16.69 -35.32 -7.01
CA ASP A 220 17.93 -35.90 -6.46
C ASP A 220 18.20 -35.54 -4.99
N ARG A 221 17.24 -34.92 -4.32
CA ARG A 221 17.41 -34.38 -2.97
C ARG A 221 18.71 -33.56 -2.80
N ILE A 222 19.09 -32.84 -3.84
CA ILE A 222 20.26 -31.96 -3.83
C ILE A 222 19.79 -30.52 -3.61
N TYR A 223 19.99 -30.03 -2.39
CA TYR A 223 19.56 -28.68 -2.00
C TYR A 223 20.77 -27.77 -1.87
N THR A 224 20.70 -26.58 -2.45
CA THR A 224 21.82 -25.66 -2.49
C THR A 224 21.26 -24.25 -2.47
N HIS A 225 22.14 -23.28 -2.35
CA HIS A 225 21.78 -21.89 -2.58
C HIS A 225 21.13 -21.69 -3.96
N GLN A 226 21.65 -22.42 -4.95
CA GLN A 226 21.03 -22.38 -6.30
C GLN A 226 19.60 -22.91 -6.35
N SER A 227 19.27 -23.94 -5.57
CA SER A 227 17.90 -24.43 -5.56
C SER A 227 16.98 -23.48 -4.82
N ASP A 228 17.48 -22.84 -3.75
CA ASP A 228 16.77 -21.68 -3.12
C ASP A 228 16.52 -20.56 -4.13
N VAL A 229 17.45 -20.37 -5.05
CA VAL A 229 17.28 -19.34 -6.09
C VAL A 229 16.12 -19.67 -7.02
N TRP A 230 15.93 -20.95 -7.29
CA TRP A 230 14.88 -21.41 -8.16
C TRP A 230 13.57 -21.17 -7.48
N SER A 231 13.54 -21.49 -6.19
CA SER A 231 12.33 -21.27 -5.40
C SER A 231 11.99 -19.81 -5.39
N PHE A 232 13.01 -18.96 -5.35
CA PHE A 232 12.75 -17.54 -5.35
C PHE A 232 12.19 -17.05 -6.67
N GLY A 233 12.55 -17.70 -7.77
CA GLY A 233 11.86 -17.44 -9.06
C GLY A 233 10.36 -17.65 -8.96
N VAL A 234 9.97 -18.71 -8.27
CA VAL A 234 8.55 -19.03 -8.12
C VAL A 234 7.88 -18.02 -7.21
N LEU A 235 8.60 -17.63 -6.16
CA LEU A 235 8.10 -16.64 -5.21
C LEU A 235 7.88 -15.31 -5.93
N LEU A 236 8.79 -14.89 -6.81
CA LEU A 236 8.55 -13.75 -7.69
C LEU A 236 7.27 -13.86 -8.51
N TRP A 237 7.01 -15.05 -9.05
CA TRP A 237 5.77 -15.31 -9.79
C TRP A 237 4.54 -15.18 -8.87
N GLU A 238 4.66 -15.77 -7.69
CA GLU A 238 3.66 -15.55 -6.65
C GLU A 238 3.46 -14.06 -6.44
N ILE A 239 4.52 -13.31 -6.30
CA ILE A 239 4.36 -11.89 -6.09
C ILE A 239 3.54 -11.22 -7.19
N PHE A 240 3.92 -11.43 -8.45
CA PHE A 240 3.38 -10.59 -9.53
C PHE A 240 2.05 -11.16 -10.02
N THR A 241 1.68 -12.34 -9.53
CA THR A 241 0.29 -12.79 -9.61
C THR A 241 -0.53 -12.45 -8.35
N LEU A 242 0.02 -11.62 -7.45
CA LEU A 242 -0.63 -11.31 -6.14
C LEU A 242 -1.04 -12.59 -5.38
N GLY A 243 -0.12 -13.51 -5.24
CA GLY A 243 -0.36 -14.76 -4.50
C GLY A 243 -1.10 -15.83 -5.28
N GLY A 244 -0.81 -15.96 -6.56
CA GLY A 244 -1.39 -17.03 -7.37
C GLY A 244 -0.79 -18.39 -7.03
N SER A 245 -1.49 -19.44 -7.45
CA SER A 245 -1.00 -20.81 -7.32
C SER A 245 -0.13 -21.17 -8.53
N PRO A 246 1.12 -21.59 -8.31
CA PRO A 246 2.00 -21.96 -9.42
C PRO A 246 1.51 -23.18 -10.16
N TYR A 247 1.79 -23.25 -11.45
CA TYR A 247 1.39 -24.41 -12.26
C TYR A 247 -0.09 -24.78 -12.03
N PRO A 248 -0.97 -23.79 -12.20
CA PRO A 248 -2.37 -24.06 -11.90
C PRO A 248 -2.90 -25.27 -12.70
N GLY A 249 -3.58 -26.19 -12.01
CA GLY A 249 -4.16 -27.38 -12.65
C GLY A 249 -3.18 -28.43 -13.15
N VAL A 250 -1.90 -28.28 -12.77
CA VAL A 250 -0.90 -29.27 -13.09
C VAL A 250 -0.74 -30.18 -11.89
N PRO A 251 -1.02 -31.48 -12.08
CA PRO A 251 -0.87 -32.41 -10.99
C PRO A 251 0.61 -32.68 -10.77
N VAL A 252 0.96 -33.13 -9.57
CA VAL A 252 2.36 -33.41 -9.22
C VAL A 252 3.03 -34.37 -10.20
N GLU A 253 2.40 -35.52 -10.44
CA GLU A 253 2.93 -36.53 -11.34
C GLU A 253 3.39 -35.88 -12.65
N GLU A 254 2.52 -35.10 -13.27
CA GLU A 254 2.86 -34.39 -14.51
C GLU A 254 4.09 -33.48 -14.32
N LEU A 255 3.99 -32.50 -13.41
CA LEU A 255 5.04 -31.47 -13.21
C LEU A 255 6.45 -32.02 -13.33
N PHE A 256 6.67 -33.19 -12.74
CA PHE A 256 7.96 -33.89 -12.80
C PHE A 256 8.50 -33.92 -14.25
N LYS A 257 7.71 -34.54 -15.13
CA LYS A 257 8.09 -34.68 -16.52
C LYS A 257 8.26 -33.31 -17.14
N LEU A 258 7.28 -32.45 -16.90
CA LEU A 258 7.21 -31.19 -17.64
C LEU A 258 8.45 -30.34 -17.43
N LEU A 259 8.95 -30.32 -16.21
CA LEU A 259 10.17 -29.60 -15.90
C LEU A 259 11.35 -30.20 -16.65
N LYS A 260 11.51 -31.51 -16.54
CA LYS A 260 12.53 -32.23 -17.30
C LYS A 260 12.42 -31.86 -18.77
N GLU A 261 11.19 -31.85 -19.28
CA GLU A 261 10.89 -31.37 -20.63
C GLU A 261 11.21 -29.91 -20.87
N GLY A 262 11.66 -29.18 -19.85
CA GLY A 262 11.95 -27.75 -19.98
C GLY A 262 10.74 -26.81 -19.98
N HIS A 263 9.63 -27.25 -19.41
CA HIS A 263 8.46 -26.39 -19.24
C HIS A 263 8.67 -25.38 -18.10
N ARG A 264 8.15 -24.16 -18.29
CA ARG A 264 8.26 -23.08 -17.33
C ARG A 264 6.96 -22.27 -17.32
N MET A 265 6.64 -21.70 -16.17
CA MET A 265 5.41 -20.91 -16.03
C MET A 265 5.46 -19.73 -16.98
N ASP A 266 4.29 -19.39 -17.50
CA ASP A 266 4.12 -18.23 -18.35
C ASP A 266 4.30 -16.99 -17.52
N LYS A 267 4.65 -15.89 -18.17
CA LYS A 267 4.68 -14.61 -17.51
C LYS A 267 3.32 -14.31 -16.85
N PRO A 268 3.32 -13.73 -15.66
CA PRO A 268 2.05 -13.16 -15.12
C PRO A 268 1.53 -12.02 -16.00
N SER A 269 0.22 -11.91 -16.12
CA SER A 269 -0.36 -10.89 -16.97
C SER A 269 0.24 -9.51 -16.74
N ASN A 270 0.56 -9.18 -15.49
CA ASN A 270 0.92 -7.78 -15.11
C ASN A 270 2.30 -7.71 -14.53
N CYS A 271 3.24 -8.18 -15.31
CA CYS A 271 4.62 -8.29 -14.90
C CYS A 271 5.45 -7.79 -16.06
N THR A 272 6.57 -7.15 -15.78
CA THR A 272 7.40 -6.57 -16.85
C THR A 272 8.16 -7.68 -17.53
N ASN A 273 8.68 -7.38 -18.69
CA ASN A 273 9.49 -8.37 -19.37
C ASN A 273 10.79 -8.57 -18.57
N GLU A 274 11.34 -7.49 -18.02
CA GLU A 274 12.59 -7.58 -17.27
C GLU A 274 12.44 -8.54 -16.11
N LEU A 275 11.33 -8.44 -15.41
CA LEU A 275 11.14 -9.23 -14.22
C LEU A 275 10.77 -10.69 -14.54
N TYR A 276 10.18 -10.94 -15.73
CA TYR A 276 9.98 -12.31 -16.21
C TYR A 276 11.26 -13.03 -16.64
N MET A 277 12.20 -12.31 -17.25
CA MET A 277 13.54 -12.85 -17.57
C MET A 277 14.27 -13.19 -16.26
N MET A 278 14.05 -12.38 -15.24
CA MET A 278 14.65 -12.69 -13.95
C MET A 278 14.14 -14.01 -13.40
N MET A 279 12.83 -14.18 -13.43
CA MET A 279 12.23 -15.46 -13.05
C MET A 279 12.86 -16.59 -13.87
N ARG A 280 12.92 -16.39 -15.19
CA ARG A 280 13.44 -17.46 -16.10
C ARG A 280 14.83 -17.84 -15.75
N ASP A 281 15.66 -16.83 -15.48
CA ASP A 281 17.04 -17.07 -15.02
C ASP A 281 17.14 -17.83 -13.69
N CYS A 282 16.27 -17.50 -12.75
CA CYS A 282 16.16 -18.24 -11.49
C CYS A 282 15.81 -19.69 -11.80
N TRP A 283 15.03 -19.90 -12.85
CA TRP A 283 14.67 -21.26 -13.32
C TRP A 283 15.58 -21.86 -14.40
N HIS A 284 16.83 -21.45 -14.47
CA HIS A 284 17.80 -22.10 -15.38
C HIS A 284 17.95 -23.58 -15.06
N ALA A 285 17.90 -24.43 -16.07
CA ALA A 285 18.06 -25.89 -15.87
C ALA A 285 19.40 -26.24 -15.22
N VAL A 286 20.45 -25.57 -15.71
CA VAL A 286 21.78 -25.68 -15.13
C VAL A 286 21.89 -24.80 -13.87
N PRO A 287 21.99 -25.42 -12.70
CA PRO A 287 21.98 -24.59 -11.50
C PRO A 287 23.14 -23.60 -11.36
N SER A 288 24.32 -23.94 -11.87
CA SER A 288 25.47 -23.01 -11.85
C SER A 288 25.17 -21.72 -12.65
N GLN A 289 24.11 -21.73 -13.45
CA GLN A 289 23.84 -20.61 -14.34
C GLN A 289 22.70 -19.75 -13.84
N ARG A 290 22.10 -20.16 -12.73
CA ARG A 290 21.16 -19.28 -12.02
C ARG A 290 21.96 -18.12 -11.43
N PRO A 291 21.36 -16.92 -11.39
CA PRO A 291 22.03 -15.83 -10.62
C PRO A 291 22.14 -16.19 -9.12
N THR A 292 23.01 -15.48 -8.39
CA THR A 292 23.04 -15.60 -6.93
C THR A 292 22.07 -14.62 -6.31
N PHE A 293 21.77 -14.79 -5.02
CA PHE A 293 20.98 -13.79 -4.29
C PHE A 293 21.69 -12.44 -4.26
N LYS A 294 23.01 -12.47 -4.15
CA LYS A 294 23.77 -11.24 -4.22
C LYS A 294 23.44 -10.46 -5.50
N GLN A 295 23.51 -11.17 -6.65
CA GLN A 295 23.23 -10.61 -7.99
CA GLN A 295 23.25 -10.56 -7.96
C GLN A 295 21.79 -10.10 -8.08
N LEU A 296 20.88 -10.89 -7.54
CA LEU A 296 19.47 -10.55 -7.58
C LEU A 296 19.19 -9.29 -6.79
N VAL A 297 19.81 -9.19 -5.63
CA VAL A 297 19.69 -7.97 -4.84
C VAL A 297 20.14 -6.77 -5.63
N GLU A 298 21.28 -6.87 -6.30
CA GLU A 298 21.76 -5.75 -7.15
C GLU A 298 20.83 -5.40 -8.31
N ASP A 299 20.20 -6.40 -8.91
CA ASP A 299 19.27 -6.16 -10.00
C ASP A 299 17.95 -5.62 -9.46
N LEU A 300 17.46 -6.19 -8.35
CA LEU A 300 16.19 -5.72 -7.81
C LEU A 300 16.36 -4.33 -7.28
N ASP A 301 17.54 -4.02 -6.75
CA ASP A 301 17.82 -2.69 -6.29
C ASP A 301 17.68 -1.67 -7.43
N ARG A 302 18.17 -2.03 -8.60
CA ARG A 302 18.16 -1.11 -9.74
C ARG A 302 16.73 -1.01 -10.32
N ILE A 303 16.04 -2.13 -10.41
CA ILE A 303 14.69 -2.15 -10.98
C ILE A 303 13.72 -1.39 -10.07
N VAL A 304 13.88 -1.54 -8.75
CA VAL A 304 13.07 -0.79 -7.81
C VAL A 304 13.19 0.67 -8.16
N ALA A 305 14.41 1.19 -8.19
CA ALA A 305 14.58 2.64 -8.38
C ALA A 305 14.09 3.20 -9.72
N LEU A 306 13.92 2.34 -10.72
CA LEU A 306 13.45 2.76 -12.04
C LEU A 306 11.93 2.57 -12.17
N THR A 307 11.33 1.79 -11.28
CA THR A 307 9.91 1.51 -11.39
C THR A 307 9.10 2.72 -10.91
N SER A 308 8.16 3.15 -11.77
CA SER A 308 7.30 4.29 -11.49
C SER A 308 6.58 4.10 -10.15
N ASN A 309 6.52 5.18 -9.36
CA ASN A 309 5.64 5.22 -8.16
C ASN A 309 4.24 5.81 -8.50
N GLN A 310 3.94 5.91 -9.80
CA GLN A 310 2.61 6.34 -10.22
C GLN A 310 1.73 5.14 -10.57
N GLU A 311 2.34 3.96 -10.69
CA GLU A 311 1.66 2.80 -11.27
C GLU A 311 1.24 1.77 -10.22
N PRO B 12 -8.32 8.45 22.75
CA PRO B 12 -6.87 8.67 22.80
C PRO B 12 -6.52 10.11 22.43
N GLU B 13 -5.59 10.74 23.17
CA GLU B 13 -5.22 12.14 22.92
C GLU B 13 -4.07 12.29 21.91
N ASP B 14 -3.83 13.53 21.49
CA ASP B 14 -2.73 13.93 20.58
C ASP B 14 -2.53 15.47 20.70
N PRO B 15 -1.69 15.88 21.65
CA PRO B 15 -1.52 17.28 22.04
C PRO B 15 -1.11 18.20 20.92
N ARG B 16 -0.37 17.68 19.96
CA ARG B 16 0.06 18.48 18.80
C ARG B 16 -1.13 19.15 18.06
N TRP B 17 -2.26 18.46 18.03
CA TRP B 17 -3.44 18.90 17.30
C TRP B 17 -4.63 19.31 18.16
N GLU B 18 -4.61 18.93 19.44
CA GLU B 18 -5.76 19.15 20.29
C GLU B 18 -6.01 20.61 20.56
N LEU B 19 -7.28 20.98 20.44
CA LEU B 19 -7.74 22.33 20.64
C LEU B 19 -8.80 22.29 21.73
N PRO B 20 -8.64 23.13 22.79
CA PRO B 20 -9.66 23.21 23.82
C PRO B 20 -11.01 23.60 23.19
N ARG B 21 -12.10 23.04 23.71
CA ARG B 21 -13.43 23.31 23.17
C ARG B 21 -13.83 24.78 23.29
N ASP B 22 -13.38 25.45 24.36
CA ASP B 22 -13.72 26.84 24.58
C ASP B 22 -13.19 27.77 23.49
N ARG B 23 -12.29 27.27 22.67
CA ARG B 23 -11.69 28.09 21.63
C ARG B 23 -12.28 27.80 20.27
N LEU B 24 -13.50 27.26 20.25
CA LEU B 24 -14.17 26.93 19.00
C LEU B 24 -15.66 27.25 19.08
N VAL B 25 -16.13 28.14 18.22
CA VAL B 25 -17.56 28.53 18.17
C VAL B 25 -18.28 27.97 16.95
N LEU B 26 -19.17 27.01 17.15
CA LEU B 26 -19.93 26.40 16.05
C LEU B 26 -20.93 27.38 15.45
N GLY B 27 -21.07 27.33 14.12
CA GLY B 27 -22.02 28.12 13.34
C GLY B 27 -22.90 27.30 12.38
N LYS B 28 -23.20 27.89 11.23
CA LYS B 28 -24.10 27.27 10.26
C LYS B 28 -23.61 25.90 9.75
N PRO B 29 -24.54 24.95 9.58
CA PRO B 29 -24.21 23.67 8.90
C PRO B 29 -23.67 23.88 7.49
N LEU B 30 -22.91 22.92 6.97
CA LEU B 30 -22.45 23.01 5.58
C LEU B 30 -22.94 21.86 4.69
N GLY B 31 -23.03 20.65 5.24
CA GLY B 31 -23.37 19.43 4.48
C GLY B 31 -23.22 18.18 5.31
N GLY B 36 -20.25 11.44 8.61
CA GLY B 36 -19.88 12.82 8.89
C GLY B 36 -20.99 13.84 8.72
N GLN B 37 -21.02 14.85 9.58
CA GLN B 37 -21.80 16.08 9.38
C GLN B 37 -20.76 17.19 9.39
N VAL B 38 -20.94 18.20 8.56
CA VAL B 38 -19.98 19.31 8.51
C VAL B 38 -20.64 20.62 8.91
N VAL B 39 -19.96 21.40 9.75
CA VAL B 39 -20.45 22.71 10.16
C VAL B 39 -19.36 23.75 10.06
N LEU B 40 -19.78 24.97 9.81
CA LEU B 40 -18.91 26.12 9.87
C LEU B 40 -18.61 26.43 11.33
N ALA B 41 -17.43 27.01 11.57
CA ALA B 41 -17.11 27.48 12.92
C ALA B 41 -16.03 28.51 12.85
N GLU B 42 -15.88 29.23 13.94
CA GLU B 42 -14.75 30.13 14.11
C GLU B 42 -13.85 29.55 15.19
N ALA B 43 -12.56 29.52 14.93
CA ALA B 43 -11.63 28.96 15.90
C ALA B 43 -10.54 29.97 16.20
N ILE B 44 -10.08 29.95 17.44
CA ILE B 44 -9.08 30.89 17.93
C ILE B 44 -7.78 30.13 18.21
N GLY B 45 -6.68 30.60 17.61
CA GLY B 45 -5.34 30.11 17.92
C GLY B 45 -5.12 28.72 17.39
N LEU B 46 -5.39 28.58 16.09
CA LEU B 46 -5.39 27.30 15.42
C LEU B 46 -4.00 27.17 14.81
N ASP B 47 -3.63 28.18 14.01
CA ASP B 47 -2.23 28.45 13.68
C ASP B 47 -1.59 28.90 15.00
N LYS B 50 0.25 32.25 15.39
CA LYS B 50 -0.65 33.41 15.38
C LYS B 50 -1.80 33.11 16.37
N PRO B 51 -1.46 32.84 17.66
CA PRO B 51 -2.33 32.21 18.67
C PRO B 51 -3.59 32.98 19.11
N ASN B 52 -3.72 34.22 18.68
CA ASN B 52 -4.91 35.02 18.90
C ASN B 52 -5.60 35.31 17.56
N ARG B 53 -5.07 34.78 16.46
CA ARG B 53 -5.75 34.86 15.17
C ARG B 53 -7.08 34.15 15.28
N VAL B 54 -8.12 34.72 14.71
CA VAL B 54 -9.39 34.04 14.59
C VAL B 54 -9.51 33.60 13.14
N THR B 55 -10.05 32.41 12.92
CA THR B 55 -10.15 31.84 11.58
C THR B 55 -11.49 31.15 11.40
N LYS B 56 -12.09 31.32 10.23
CA LYS B 56 -13.28 30.59 9.84
C LYS B 56 -12.82 29.20 9.45
N VAL B 57 -13.50 28.14 9.91
CA VAL B 57 -13.10 26.77 9.60
C VAL B 57 -14.27 25.82 9.41
N ALA B 58 -13.98 24.64 8.87
CA ALA B 58 -14.96 23.57 8.72
C ALA B 58 -14.71 22.47 9.75
N VAL B 59 -15.79 21.98 10.36
CA VAL B 59 -15.67 20.99 11.41
C VAL B 59 -16.43 19.77 10.99
N LYS B 60 -15.80 18.62 11.06
CA LYS B 60 -16.52 17.40 10.79
C LYS B 60 -16.72 16.68 12.08
N MET B 61 -17.96 16.25 12.29
CA MET B 61 -18.34 15.49 13.47
C MET B 61 -19.27 14.36 13.05
N LEU B 62 -19.44 13.39 13.93
CA LEU B 62 -20.39 12.32 13.73
C LEU B 62 -21.85 12.80 13.76
N LYS B 63 -22.69 12.20 12.93
CA LYS B 63 -24.14 12.38 13.03
C LYS B 63 -24.66 11.64 14.29
N SER B 64 -25.90 11.94 14.70
CA SER B 64 -26.46 11.41 15.95
C SER B 64 -26.59 9.88 15.98
N ASP B 65 -26.90 9.29 14.83
CA ASP B 65 -27.20 7.86 14.78
C ASP B 65 -25.98 7.00 14.40
N ALA B 66 -24.80 7.60 14.32
CA ALA B 66 -23.58 6.91 13.93
C ALA B 66 -23.25 5.73 14.85
N THR B 67 -22.38 4.85 14.40
CA THR B 67 -22.00 3.65 15.15
C THR B 67 -20.53 3.70 15.54
N GLU B 68 -20.16 2.78 16.44
CA GLU B 68 -18.77 2.57 16.82
C GLU B 68 -17.88 2.48 15.55
N LYS B 69 -18.33 1.81 14.48
CA LYS B 69 -17.58 1.79 13.20
C LYS B 69 -17.42 3.18 12.55
N ASP B 70 -18.51 3.95 12.44
CA ASP B 70 -18.42 5.33 11.87
C ASP B 70 -17.41 6.18 12.61
N LEU B 71 -17.39 6.05 13.94
CA LEU B 71 -16.43 6.78 14.75
C LEU B 71 -14.99 6.41 14.36
N SER B 72 -14.70 5.12 14.17
CA SER B 72 -13.33 4.74 13.81
C SER B 72 -13.02 5.16 12.39
N ASP B 73 -14.01 5.19 11.49
CA ASP B 73 -13.84 5.79 10.16
C ASP B 73 -13.45 7.28 10.26
N LEU B 74 -14.16 8.04 11.08
CA LEU B 74 -13.81 9.45 11.28
C LEU B 74 -12.41 9.59 11.81
N ILE B 75 -12.07 8.75 12.77
CA ILE B 75 -10.75 8.75 13.40
C ILE B 75 -9.67 8.35 12.40
N SER B 76 -9.93 7.32 11.61
CA SER B 76 -9.04 6.89 10.52
C SER B 76 -8.72 8.05 9.62
N GLU B 77 -9.78 8.74 9.20
CA GLU B 77 -9.65 9.83 8.27
C GLU B 77 -8.84 10.97 8.84
N MET B 78 -9.01 11.28 10.12
CA MET B 78 -8.18 12.28 10.78
C MET B 78 -6.71 11.81 10.82
N GLU B 79 -6.47 10.57 11.18
CA GLU B 79 -5.09 10.05 11.22
C GLU B 79 -4.43 10.11 9.84
N MET B 80 -5.21 9.88 8.79
CA MET B 80 -4.71 9.94 7.43
C MET B 80 -4.25 11.32 7.04
N MET B 81 -5.05 12.31 7.41
CA MET B 81 -4.70 13.66 7.09
C MET B 81 -3.41 14.03 7.77
N LYS B 82 -3.20 13.57 9.01
CA LYS B 82 -1.92 13.78 9.68
C LYS B 82 -0.75 13.18 8.91
N MET B 83 -0.86 11.92 8.50
CA MET B 83 0.23 11.27 7.73
C MET B 83 0.49 12.05 6.45
N ILE B 84 -0.56 12.51 5.78
CA ILE B 84 -0.39 13.09 4.46
C ILE B 84 0.37 14.38 4.50
N GLY B 85 0.13 15.22 5.49
CA GLY B 85 0.84 16.49 5.60
C GLY B 85 0.11 17.65 4.93
N LYS B 86 0.71 18.82 5.00
CA LYS B 86 0.20 20.09 4.47
C LYS B 86 0.48 20.35 2.99
N HIS B 87 -0.49 20.97 2.32
CA HIS B 87 -0.24 21.58 1.02
C HIS B 87 -1.33 22.58 0.75
N LYS B 88 -0.97 23.69 0.12
CA LYS B 88 -1.90 24.79 -0.11
C LYS B 88 -3.08 24.40 -0.98
N ASN B 89 -2.93 23.34 -1.77
CA ASN B 89 -3.99 22.92 -2.68
C ASN B 89 -4.69 21.65 -2.27
N ILE B 90 -4.56 21.28 -1.00
CA ILE B 90 -5.47 20.32 -0.42
C ILE B 90 -6.20 20.96 0.75
N ILE B 91 -7.34 20.38 1.10
CA ILE B 91 -8.04 20.78 2.31
C ILE B 91 -7.24 20.26 3.49
N ASN B 92 -6.62 21.16 4.25
CA ASN B 92 -5.75 20.73 5.36
C ASN B 92 -6.43 20.55 6.72
N LEU B 93 -5.94 19.57 7.46
CA LEU B 93 -6.18 19.43 8.89
C LEU B 93 -5.59 20.60 9.66
N LEU B 94 -6.42 21.24 10.47
CA LEU B 94 -6.03 22.37 11.29
C LEU B 94 -5.99 22.00 12.77
N GLY B 95 -6.94 21.20 13.24
CA GLY B 95 -6.93 20.74 14.63
C GLY B 95 -8.04 19.73 14.87
N ALA B 96 -8.24 19.41 16.14
CA ALA B 96 -9.28 18.47 16.55
C ALA B 96 -9.64 18.63 18.04
N CYS B 97 -10.90 18.34 18.37
CA CYS B 97 -11.32 18.22 19.77
C CYS B 97 -11.71 16.78 19.94
N THR B 98 -10.91 16.05 20.71
CA THR B 98 -11.05 14.62 20.80
C THR B 98 -11.42 14.10 22.18
N GLN B 99 -11.24 14.92 23.24
CA GLN B 99 -11.52 14.52 24.61
C GLN B 99 -12.83 15.10 25.15
N ASP B 100 -13.49 14.33 26.00
CA ASP B 100 -14.69 14.76 26.70
C ASP B 100 -15.77 15.37 25.81
N GLY B 101 -16.36 14.62 24.90
CA GLY B 101 -17.38 15.18 24.03
C GLY B 101 -17.27 14.58 22.65
N PRO B 102 -18.09 15.07 21.70
CA PRO B 102 -18.01 14.47 20.37
C PRO B 102 -16.66 14.79 19.73
N LEU B 103 -16.12 13.84 18.99
CA LEU B 103 -14.96 14.12 18.16
C LEU B 103 -15.28 15.21 17.12
N TYR B 104 -14.44 16.25 17.08
CA TYR B 104 -14.46 17.29 16.03
C TYR B 104 -13.12 17.27 15.33
N VAL B 105 -13.17 17.15 14.01
CA VAL B 105 -12.00 17.16 13.15
C VAL B 105 -12.08 18.46 12.38
N ILE B 106 -11.15 19.35 12.64
CA ILE B 106 -11.27 20.73 12.21
C ILE B 106 -10.37 20.96 10.99
N VAL B 107 -10.93 21.47 9.89
CA VAL B 107 -10.15 21.68 8.67
C VAL B 107 -10.40 23.05 8.06
N GLU B 108 -9.58 23.39 7.06
CA GLU B 108 -9.76 24.61 6.30
C GLU B 108 -11.14 24.66 5.65
N TYR B 109 -11.65 25.87 5.49
CA TYR B 109 -12.99 26.10 5.02
C TYR B 109 -12.90 26.79 3.68
N ALA B 110 -13.78 26.42 2.75
CA ALA B 110 -13.80 27.00 1.38
C ALA B 110 -15.12 27.73 1.14
N SER B 111 -15.08 29.05 1.10
CA SER B 111 -16.29 29.87 1.09
C SER B 111 -17.06 29.90 -0.23
N LYS B 112 -16.37 29.71 -1.34
CA LYS B 112 -16.97 29.92 -2.66
C LYS B 112 -17.48 28.62 -3.29
N GLY B 113 -17.57 27.56 -2.48
CA GLY B 113 -18.25 26.34 -2.88
C GLY B 113 -17.28 25.36 -3.49
N ASN B 114 -17.81 24.25 -3.99
CA ASN B 114 -16.98 23.33 -4.74
C ASN B 114 -16.73 23.92 -6.12
N LEU B 115 -15.76 23.37 -6.85
CA LEU B 115 -15.38 23.97 -8.13
C LEU B 115 -16.51 23.91 -9.15
N ARG B 116 -17.33 22.88 -9.12
CA ARG B 116 -18.35 22.75 -10.13
C ARG B 116 -19.26 23.95 -10.01
N GLU B 117 -19.87 24.14 -8.83
CA GLU B 117 -20.79 25.26 -8.63
C GLU B 117 -20.07 26.61 -8.72
N TYR B 118 -18.80 26.65 -8.34
CA TYR B 118 -18.01 27.85 -8.55
C TYR B 118 -17.94 28.21 -10.02
N LEU B 119 -17.66 27.22 -10.87
CA LEU B 119 -17.64 27.46 -12.32
C LEU B 119 -19.03 27.81 -12.88
N GLN B 120 -20.00 26.96 -12.63
CA GLN B 120 -21.39 27.19 -13.05
C GLN B 120 -21.86 28.61 -12.74
N ALA B 121 -21.44 29.12 -11.60
CA ALA B 121 -21.89 30.42 -11.14
C ALA B 121 -21.21 31.56 -11.87
N ARG B 122 -20.23 31.27 -12.74
CA ARG B 122 -19.43 32.32 -13.37
C ARG B 122 -19.40 32.24 -14.90
N ARG B 123 -20.42 31.60 -15.45
CA ARG B 123 -20.57 31.47 -16.91
C ARG B 123 -20.66 32.82 -17.60
N GLN B 140 -17.28 36.77 -14.09
CA GLN B 140 -16.73 36.14 -15.28
C GLN B 140 -15.25 35.80 -15.12
N LEU B 141 -14.85 34.63 -15.61
CA LEU B 141 -13.49 34.08 -15.46
C LEU B 141 -12.70 34.09 -16.78
N SER B 142 -11.46 34.60 -16.74
CA SER B 142 -10.58 34.63 -17.92
C SER B 142 -10.03 33.25 -18.23
N SER B 143 -9.46 33.09 -19.41
CA SER B 143 -8.87 31.83 -19.81
C SER B 143 -7.71 31.48 -18.92
N LYS B 144 -6.92 32.49 -18.56
CA LYS B 144 -5.80 32.31 -17.62
C LYS B 144 -6.29 31.81 -16.26
N ASP B 145 -7.40 32.35 -15.76
CA ASP B 145 -7.97 31.88 -14.48
C ASP B 145 -8.29 30.42 -14.55
N LEU B 146 -8.86 30.00 -15.69
CA LEU B 146 -9.27 28.61 -15.85
C LEU B 146 -8.06 27.70 -15.90
N VAL B 147 -6.98 28.17 -16.52
CA VAL B 147 -5.76 27.39 -16.58
C VAL B 147 -5.07 27.41 -15.22
N SER B 148 -5.09 28.55 -14.57
CA SER B 148 -4.56 28.62 -13.21
C SER B 148 -5.30 27.62 -12.30
N CYS B 149 -6.61 27.48 -12.50
N CYS B 149 -6.62 27.48 -12.49
CA CYS B 149 -7.40 26.53 -11.75
CA CYS B 149 -7.42 26.50 -11.75
C CYS B 149 -6.97 25.08 -11.96
C CYS B 149 -6.92 25.08 -11.95
N ALA B 150 -6.76 24.70 -13.21
CA ALA B 150 -6.28 23.36 -13.53
C ALA B 150 -4.90 23.15 -12.95
N TYR B 151 -4.04 24.16 -13.06
CA TYR B 151 -2.71 24.02 -12.50
C TYR B 151 -2.79 23.73 -10.98
N GLN B 152 -3.70 24.40 -10.30
CA GLN B 152 -3.79 24.28 -8.83
C GLN B 152 -4.24 22.89 -8.41
N VAL B 153 -5.20 22.35 -9.15
CA VAL B 153 -5.75 21.05 -8.87
C VAL B 153 -4.64 20.07 -9.08
N ALA B 154 -3.90 20.25 -10.16
CA ALA B 154 -2.86 19.29 -10.54
C ALA B 154 -1.74 19.30 -9.54
N ARG B 155 -1.45 20.48 -9.06
CA ARG B 155 -0.45 20.77 -8.04
C ARG B 155 -0.83 20.08 -6.74
N GLY B 156 -2.07 20.26 -6.34
CA GLY B 156 -2.66 19.54 -5.26
C GLY B 156 -2.53 18.06 -5.46
N MET B 157 -2.80 17.55 -6.68
CA MET B 157 -2.78 16.10 -6.91
C MET B 157 -1.36 15.52 -6.92
N GLU B 158 -0.43 16.23 -7.53
CA GLU B 158 0.97 15.90 -7.44
C GLU B 158 1.44 15.66 -5.98
N TYR B 159 0.96 16.46 -5.05
CA TYR B 159 1.39 16.29 -3.66
C TYR B 159 0.80 15.02 -3.07
N LEU B 160 -0.49 14.78 -3.31
CA LEU B 160 -1.13 13.60 -2.78
C LEU B 160 -0.48 12.37 -3.35
N ALA B 161 -0.17 12.39 -4.63
CA ALA B 161 0.55 11.26 -5.24
C ALA B 161 1.90 11.09 -4.59
N SER B 162 2.62 12.18 -4.36
CA SER B 162 3.92 12.06 -3.72
C SER B 162 3.80 11.46 -2.30
N LYS B 163 2.59 11.43 -1.74
CA LYS B 163 2.33 10.79 -0.46
C LYS B 163 1.61 9.46 -0.58
N LYS B 164 1.54 8.88 -1.78
CA LYS B 164 0.95 7.55 -1.95
C LYS B 164 -0.55 7.59 -1.70
N CYS B 165 -1.16 8.75 -1.89
CA CYS B 165 -2.60 8.91 -1.72
C CYS B 165 -3.24 8.90 -3.14
N ILE B 166 -4.19 7.99 -3.30
CA ILE B 166 -4.94 7.81 -4.53
C ILE B 166 -6.36 8.22 -4.21
N HIS B 167 -6.85 9.25 -4.90
CA HIS B 167 -8.14 9.82 -4.62
C HIS B 167 -9.26 8.86 -4.96
N ARG B 168 -9.29 8.34 -6.19
CA ARG B 168 -10.36 7.41 -6.65
C ARG B 168 -11.70 8.04 -7.03
N ASP B 169 -11.85 9.34 -6.78
CA ASP B 169 -13.09 10.03 -7.16
C ASP B 169 -12.78 11.50 -7.42
N LEU B 170 -11.68 11.75 -8.10
CA LEU B 170 -11.34 13.11 -8.51
C LEU B 170 -12.34 13.64 -9.51
N ALA B 171 -12.83 14.85 -9.25
CA ALA B 171 -13.82 15.54 -10.09
C ALA B 171 -13.99 16.97 -9.56
N ALA B 172 -14.63 17.84 -10.31
CA ALA B 172 -14.85 19.19 -9.80
C ALA B 172 -15.69 19.22 -8.51
N ARG B 173 -16.59 18.25 -8.35
CA ARG B 173 -17.34 18.04 -7.11
C ARG B 173 -16.42 18.05 -5.87
N ASN B 174 -15.24 17.44 -6.00
CA ASN B 174 -14.31 17.24 -4.89
C ASN B 174 -13.09 18.14 -5.01
N VAL B 175 -13.31 19.33 -5.59
CA VAL B 175 -12.43 20.45 -5.39
C VAL B 175 -13.25 21.52 -4.70
N LEU B 176 -12.63 22.25 -3.77
CA LEU B 176 -13.33 23.33 -3.08
C LEU B 176 -12.58 24.61 -3.32
N VAL B 177 -13.31 25.72 -3.42
CA VAL B 177 -12.69 27.01 -3.66
C VAL B 177 -12.78 27.96 -2.43
N THR B 178 -11.64 28.51 -1.99
CA THR B 178 -11.59 29.36 -0.82
C THR B 178 -11.91 30.81 -1.17
N GLU B 179 -11.97 31.66 -0.15
CA GLU B 179 -12.15 33.11 -0.33
C GLU B 179 -11.15 33.77 -1.27
N ASP B 180 -9.91 33.29 -1.29
CA ASP B 180 -8.91 33.83 -2.22
C ASP B 180 -8.80 33.06 -3.54
N ASN B 181 -9.82 32.30 -3.89
CA ASN B 181 -9.83 31.47 -5.11
C ASN B 181 -8.68 30.46 -5.14
N VAL B 182 -8.40 29.87 -3.99
CA VAL B 182 -7.44 28.80 -3.93
C VAL B 182 -8.21 27.53 -4.12
N MET B 183 -7.80 26.75 -5.12
CA MET B 183 -8.35 25.41 -5.32
C MET B 183 -7.73 24.40 -4.36
N LYS B 184 -8.58 23.59 -3.76
CA LYS B 184 -8.14 22.59 -2.82
C LYS B 184 -8.87 21.30 -3.05
N ILE B 185 -8.12 20.21 -3.03
CA ILE B 185 -8.68 18.92 -3.25
C ILE B 185 -9.37 18.50 -1.98
N ALA B 186 -10.50 17.82 -2.11
CA ALA B 186 -11.35 17.39 -1.00
C ALA B 186 -11.50 15.91 -1.02
N ASP B 187 -11.83 15.35 0.16
CA ASP B 187 -12.18 13.93 0.35
C ASP B 187 -11.17 12.96 -0.20
N PHE B 188 -9.92 13.18 0.17
CA PHE B 188 -8.78 12.33 -0.23
C PHE B 188 -8.41 11.28 0.81
N PRO B 209 -20.70 8.97 -11.12
CA PRO B 209 -19.29 8.84 -10.75
C PRO B 209 -18.50 7.90 -11.69
N VAL B 210 -19.15 6.87 -12.24
CA VAL B 210 -18.46 6.03 -13.19
C VAL B 210 -17.84 6.91 -14.28
N LYS B 211 -18.47 8.07 -14.52
CA LYS B 211 -18.07 8.98 -15.58
C LYS B 211 -16.77 9.71 -15.36
N TRP B 212 -16.18 9.58 -14.19
CA TRP B 212 -14.84 10.09 -13.96
C TRP B 212 -13.80 8.99 -13.83
N MET B 213 -14.23 7.73 -13.95
CA MET B 213 -13.35 6.58 -13.74
C MET B 213 -12.62 6.15 -14.99
N ALA B 214 -11.35 5.85 -14.81
CA ALA B 214 -10.50 5.27 -15.82
C ALA B 214 -11.05 3.91 -16.22
N PRO B 215 -10.84 3.50 -17.49
CA PRO B 215 -11.38 2.18 -17.90
C PRO B 215 -10.95 1.01 -16.99
N GLU B 216 -9.69 1.00 -16.56
CA GLU B 216 -9.15 -0.10 -15.73
C GLU B 216 -9.71 -0.07 -14.29
N ALA B 217 -10.12 1.08 -13.82
CA ALA B 217 -10.84 1.12 -12.54
C ALA B 217 -12.24 0.58 -12.76
N LEU B 218 -12.85 1.09 -13.82
CA LEU B 218 -14.21 0.76 -14.19
C LEU B 218 -14.33 -0.73 -14.52
N PHE B 219 -13.37 -1.30 -15.24
CA PHE B 219 -13.48 -2.69 -15.70
C PHE B 219 -12.88 -3.70 -14.71
N ASP B 220 -11.78 -3.32 -14.05
CA ASP B 220 -11.05 -4.26 -13.18
C ASP B 220 -10.87 -3.82 -11.73
N ARG B 221 -11.39 -2.65 -11.38
CA ARG B 221 -11.23 -2.11 -10.02
C ARG B 221 -9.78 -1.82 -9.69
N ILE B 222 -9.02 -1.44 -10.71
CA ILE B 222 -7.65 -1.05 -10.54
C ILE B 222 -7.62 0.47 -10.35
N TYR B 223 -7.03 0.90 -9.25
CA TYR B 223 -6.93 2.31 -8.90
C TYR B 223 -5.47 2.60 -8.66
N THR B 224 -4.95 3.59 -9.36
CA THR B 224 -3.57 4.02 -9.26
C THR B 224 -3.54 5.54 -9.43
N HIS B 225 -2.36 6.13 -9.31
CA HIS B 225 -2.21 7.55 -9.61
C HIS B 225 -2.50 7.82 -11.07
N GLN B 226 -2.24 6.83 -11.91
CA GLN B 226 -2.52 6.94 -13.32
C GLN B 226 -4.01 6.91 -13.57
N SER B 227 -4.78 6.14 -12.85
CA SER B 227 -6.24 6.22 -13.02
C SER B 227 -6.81 7.55 -12.53
N ASP B 228 -6.22 8.15 -11.50
CA ASP B 228 -6.55 9.51 -11.08
C ASP B 228 -6.24 10.55 -12.19
N VAL B 229 -5.31 10.26 -13.07
CA VAL B 229 -4.97 11.19 -14.14
C VAL B 229 -6.10 11.22 -15.14
N TRP B 230 -6.66 10.06 -15.47
CA TRP B 230 -7.82 10.02 -16.32
C TRP B 230 -8.87 10.98 -15.75
N SER B 231 -9.22 10.72 -14.48
CA SER B 231 -10.21 11.54 -13.79
C SER B 231 -9.87 13.01 -13.92
N PHE B 232 -8.61 13.36 -13.77
CA PHE B 232 -8.19 14.77 -13.93
C PHE B 232 -8.46 15.30 -15.32
N GLY B 233 -8.33 14.46 -16.35
CA GLY B 233 -8.67 14.87 -17.71
C GLY B 233 -10.13 15.25 -17.78
N VAL B 234 -10.98 14.43 -17.17
CA VAL B 234 -12.40 14.73 -17.13
C VAL B 234 -12.64 16.04 -16.36
N LEU B 235 -12.00 16.18 -15.20
CA LEU B 235 -12.02 17.46 -14.47
C LEU B 235 -11.59 18.66 -15.32
N LEU B 236 -10.53 18.46 -16.10
CA LEU B 236 -10.12 19.47 -17.10
C LEU B 236 -11.25 19.81 -18.05
N TRP B 237 -11.92 18.77 -18.57
CA TRP B 237 -13.09 19.00 -19.43
C TRP B 237 -14.20 19.79 -18.72
N GLU B 238 -14.42 19.50 -17.44
CA GLU B 238 -15.36 20.27 -16.65
C GLU B 238 -14.97 21.73 -16.55
N ILE B 239 -13.68 22.00 -16.31
CA ILE B 239 -13.22 23.37 -16.16
C ILE B 239 -13.56 24.17 -17.43
N PHE B 240 -13.16 23.65 -18.58
CA PHE B 240 -13.27 24.41 -19.80
C PHE B 240 -14.66 24.40 -20.44
N THR B 241 -15.60 23.61 -19.89
CA THR B 241 -17.05 23.80 -20.13
C THR B 241 -17.72 24.59 -19.01
N LEU B 242 -16.95 25.05 -18.02
CA LEU B 242 -17.47 25.84 -16.90
C LEU B 242 -18.55 25.10 -16.11
N GLY B 243 -18.25 23.86 -15.73
CA GLY B 243 -19.13 23.10 -14.84
C GLY B 243 -20.06 22.17 -15.55
N GLY B 244 -19.71 21.83 -16.79
CA GLY B 244 -20.56 21.02 -17.64
C GLY B 244 -20.54 19.56 -17.26
N SER B 245 -21.61 18.88 -17.64
CA SER B 245 -21.90 17.51 -17.23
C SER B 245 -21.40 16.48 -18.30
N PRO B 246 -20.47 15.59 -17.90
CA PRO B 246 -19.86 14.64 -18.84
C PRO B 246 -20.80 13.59 -19.34
N TYR B 247 -20.63 13.22 -20.61
CA TYR B 247 -21.45 12.23 -21.29
C TYR B 247 -22.91 12.35 -20.88
N PRO B 248 -23.50 13.53 -21.07
CA PRO B 248 -24.88 13.61 -20.56
C PRO B 248 -25.81 12.69 -21.36
N GLY B 249 -26.71 12.02 -20.65
CA GLY B 249 -27.71 11.15 -21.25
C GLY B 249 -27.26 9.72 -21.47
N VAL B 250 -25.98 9.45 -21.23
CA VAL B 250 -25.43 8.13 -21.42
C VAL B 250 -25.50 7.33 -20.15
N PRO B 251 -26.23 6.20 -20.15
CA PRO B 251 -26.13 5.33 -19.00
C PRO B 251 -24.84 4.51 -18.99
N VAL B 252 -24.62 3.87 -17.85
CA VAL B 252 -23.40 3.11 -17.56
C VAL B 252 -23.01 2.14 -18.66
N GLU B 253 -23.90 1.18 -18.96
CA GLU B 253 -23.61 0.10 -19.93
C GLU B 253 -23.18 0.64 -21.27
N GLU B 254 -23.75 1.78 -21.65
CA GLU B 254 -23.39 2.45 -22.91
C GLU B 254 -22.03 3.11 -22.77
N LEU B 255 -21.81 3.74 -21.62
CA LEU B 255 -20.49 4.26 -21.26
C LEU B 255 -19.35 3.27 -21.52
N PHE B 256 -19.48 2.07 -20.95
CA PHE B 256 -18.52 0.97 -21.15
C PHE B 256 -18.22 0.77 -22.61
N LYS B 257 -19.28 0.59 -23.40
CA LYS B 257 -19.16 0.31 -24.83
C LYS B 257 -18.41 1.44 -25.51
N LEU B 258 -18.79 2.67 -25.19
CA LEU B 258 -18.19 3.86 -25.80
C LEU B 258 -16.70 4.01 -25.52
N LEU B 259 -16.30 3.70 -24.29
CA LEU B 259 -14.90 3.81 -23.91
C LEU B 259 -14.09 2.67 -24.52
N LYS B 260 -14.60 1.45 -24.33
CA LYS B 260 -14.00 0.25 -24.92
C LYS B 260 -13.78 0.39 -26.43
N GLU B 261 -14.44 1.34 -27.07
CA GLU B 261 -14.32 1.53 -28.53
C GLU B 261 -13.56 2.79 -28.89
N GLY B 262 -13.02 3.46 -27.90
CA GLY B 262 -12.18 4.63 -28.13
C GLY B 262 -12.89 5.97 -28.25
N HIS B 263 -14.20 6.02 -28.03
CA HIS B 263 -14.86 7.32 -27.97
C HIS B 263 -14.36 8.13 -26.77
N ARG B 264 -14.31 9.45 -26.96
CA ARG B 264 -13.85 10.41 -25.98
C ARG B 264 -14.69 11.65 -26.11
N MET B 265 -14.85 12.41 -25.06
CA MET B 265 -15.65 13.62 -25.14
C MET B 265 -14.96 14.63 -26.02
N ASP B 266 -15.73 15.61 -26.48
CA ASP B 266 -15.25 16.57 -27.43
C ASP B 266 -14.62 17.77 -26.77
N LYS B 267 -13.94 18.54 -27.61
CA LYS B 267 -13.29 19.75 -27.20
C LYS B 267 -14.39 20.74 -26.84
N PRO B 268 -14.35 21.33 -25.63
CA PRO B 268 -15.28 22.40 -25.27
C PRO B 268 -15.16 23.58 -26.20
N SER B 269 -16.26 24.31 -26.37
CA SER B 269 -16.34 25.42 -27.35
C SER B 269 -15.15 26.38 -27.26
N ASN B 270 -14.80 26.83 -26.07
CA ASN B 270 -13.70 27.77 -25.94
C ASN B 270 -12.58 27.12 -25.11
N CYS B 271 -11.80 26.33 -25.83
CA CYS B 271 -10.69 25.60 -25.29
C CYS B 271 -9.67 25.41 -26.41
N THR B 272 -8.41 25.61 -26.04
CA THR B 272 -7.33 25.56 -27.00
C THR B 272 -7.06 24.09 -27.37
N ASN B 273 -6.60 23.87 -28.60
CA ASN B 273 -6.08 22.55 -29.01
C ASN B 273 -5.07 21.91 -28.02
N GLU B 274 -4.20 22.76 -27.44
CA GLU B 274 -3.17 22.29 -26.50
C GLU B 274 -3.83 21.71 -25.23
N LEU B 275 -4.71 22.48 -24.62
CA LEU B 275 -5.46 21.97 -23.47
C LEU B 275 -6.31 20.75 -23.81
N TYR B 276 -6.82 20.67 -25.03
CA TYR B 276 -7.57 19.48 -25.43
C TYR B 276 -6.66 18.28 -25.65
N MET B 277 -5.46 18.52 -26.20
CA MET B 277 -4.45 17.47 -26.28
C MET B 277 -4.14 16.95 -24.87
N MET B 278 -4.02 17.82 -23.89
CA MET B 278 -3.75 17.38 -22.51
C MET B 278 -4.85 16.45 -22.00
N MET B 279 -6.11 16.87 -22.15
CA MET B 279 -7.21 15.98 -21.82
C MET B 279 -7.03 14.69 -22.59
N ARG B 280 -6.94 14.78 -23.93
CA ARG B 280 -6.73 13.59 -24.72
C ARG B 280 -5.61 12.68 -24.14
N ASP B 281 -4.45 13.26 -23.82
CA ASP B 281 -3.32 12.53 -23.24
C ASP B 281 -3.68 11.83 -21.89
N CYS B 282 -4.53 12.49 -21.09
CA CYS B 282 -4.98 11.98 -19.79
C CYS B 282 -5.90 10.82 -19.94
N TRP B 283 -6.65 10.81 -21.06
CA TRP B 283 -7.55 9.73 -21.47
C TRP B 283 -6.92 8.69 -22.42
N HIS B 284 -5.61 8.50 -22.35
CA HIS B 284 -4.97 7.42 -23.13
C HIS B 284 -5.44 6.13 -22.47
N ALA B 285 -5.76 5.11 -23.25
CA ALA B 285 -6.28 3.85 -22.68
C ALA B 285 -5.21 3.11 -21.88
N VAL B 286 -3.94 3.39 -22.18
CA VAL B 286 -2.83 2.68 -21.61
C VAL B 286 -2.30 3.57 -20.51
N PRO B 287 -2.55 3.18 -19.25
CA PRO B 287 -2.29 4.08 -18.12
C PRO B 287 -0.87 4.64 -18.03
N SER B 288 0.10 3.82 -18.42
CA SER B 288 1.51 4.18 -18.34
C SER B 288 1.89 5.19 -19.42
N GLN B 289 0.99 5.40 -20.40
CA GLN B 289 1.17 6.41 -21.46
C GLN B 289 0.51 7.76 -21.12
N ARG B 290 -0.31 7.76 -20.08
CA ARG B 290 -0.88 9.02 -19.63
C ARG B 290 0.22 9.87 -19.01
N PRO B 291 0.04 11.18 -19.00
CA PRO B 291 1.02 11.92 -18.22
C PRO B 291 0.95 11.60 -16.70
N THR B 292 2.03 11.85 -16.01
CA THR B 292 2.02 11.87 -14.55
C THR B 292 1.57 13.23 -14.05
N PHE B 293 1.19 13.33 -12.78
CA PHE B 293 0.83 14.65 -12.24
C PHE B 293 2.00 15.59 -12.24
N LYS B 294 3.17 15.03 -11.95
CA LYS B 294 4.38 15.79 -12.05
C LYS B 294 4.47 16.47 -13.40
N GLN B 295 4.37 15.71 -14.49
CA GLN B 295 4.46 16.38 -15.81
C GLN B 295 3.26 17.25 -16.18
N LEU B 296 2.06 16.91 -15.68
CA LEU B 296 0.92 17.80 -15.84
C LEU B 296 1.21 19.17 -15.24
N VAL B 297 1.82 19.19 -14.05
CA VAL B 297 2.14 20.45 -13.40
C VAL B 297 3.12 21.33 -14.20
N GLU B 298 4.16 20.74 -14.78
CA GLU B 298 5.12 21.53 -15.57
C GLU B 298 4.40 22.14 -16.76
N ASP B 299 3.62 21.31 -17.45
CA ASP B 299 2.94 21.71 -18.68
C ASP B 299 1.96 22.81 -18.36
N LEU B 300 1.17 22.62 -17.32
CA LEU B 300 0.20 23.62 -16.98
C LEU B 300 0.92 24.88 -16.56
N ASP B 301 2.02 24.75 -15.84
CA ASP B 301 2.77 25.92 -15.43
C ASP B 301 3.20 26.73 -16.63
N ARG B 302 3.81 26.09 -17.59
CA ARG B 302 4.19 26.76 -18.81
C ARG B 302 2.96 27.44 -19.44
N ILE B 303 1.89 26.66 -19.63
CA ILE B 303 0.68 27.17 -20.26
C ILE B 303 0.14 28.41 -19.52
N VAL B 304 -0.05 28.30 -18.20
CA VAL B 304 -0.45 29.47 -17.39
C VAL B 304 0.32 30.75 -17.78
N ALA B 305 1.65 30.68 -17.76
CA ALA B 305 2.47 31.87 -18.03
C ALA B 305 2.35 32.43 -19.46
N LEU B 306 1.83 31.62 -20.39
CA LEU B 306 1.62 32.02 -21.79
C LEU B 306 0.16 32.37 -22.11
N THR B 307 -0.74 32.15 -21.15
CA THR B 307 -2.14 32.51 -21.31
C THR B 307 -2.30 33.98 -20.85
N SER B 308 -2.64 34.86 -21.79
CA SER B 308 -2.82 36.30 -21.51
C SER B 308 -4.29 36.62 -21.29
#